data_2IER
#
_entry.id   2IER
#
_cell.length_a   101.206
_cell.length_b   101.206
_cell.length_c   122.240
_cell.angle_alpha   90.00
_cell.angle_beta   90.00
_cell.angle_gamma   120.00
#
_symmetry.space_group_name_H-M   'P 61'
#
loop_
_entity.id
_entity.type
_entity.pdbx_description
1 polymer 'UDP-3-O-[3-hydroxymyristoyl] N-acetylglucosamine deacetylase'
2 non-polymer 'ZINC ION'
3 non-polymer "URIDINE-5'-DIPHOSPHATE"
4 non-polymer 'PALMITIC ACID'
5 non-polymer GLYCEROL
6 water water
#
_entity_poly.entity_id   1
_entity_poly.type   'polypeptide(L)'
_entity_poly.pdbx_seq_one_letter_code
;MGLEKTVKEKLSFEGVGIHTGEYSKLIIHPEKEGTGIRFFKNGVYIPARHEFVVHTNHSTDLGFKGQRIKTVEHILSVLH
LLEITNVTIEVIGNEIPILDGSGWEFYEAIRKNILNQNREIDYFVVEEPIIVEDEGRLIKAEPSDTLEVTYEGEFKNFLG
RQKFTFVEGNEEEIVLARTFAFDWEIEHIKKVGLGKGGSLKNTLVLGKDKVYNPEGLRYENEPVRHKVFDLIGDLYLLGS
PVKGKFYSFRGGHSLNVKLVKELAKKQKLTR
;
_entity_poly.pdbx_strand_id   A,B
#
loop_
_chem_comp.id
_chem_comp.type
_chem_comp.name
_chem_comp.formula
GOL non-polymer GLYCEROL 'C3 H8 O3'
PLM non-polymer 'PALMITIC ACID' 'C16 H32 O2'
UDP RNA linking URIDINE-5'-DIPHOSPHATE 'C9 H14 N2 O12 P2'
ZN non-polymer 'ZINC ION' 'Zn 2'
#
# COMPACT_ATOMS: atom_id res chain seq x y z
N GLY A 2 0.32 1.17 2.65
CA GLY A 2 0.83 -0.18 2.33
C GLY A 2 0.48 -1.18 3.41
N LEU A 3 0.56 -2.45 3.08
CA LEU A 3 0.24 -3.51 4.05
C LEU A 3 1.48 -3.91 4.84
N GLU A 4 1.29 -4.34 6.07
CA GLU A 4 2.43 -4.78 6.88
C GLU A 4 3.08 -5.94 6.16
N LYS A 5 4.38 -6.10 6.32
CA LYS A 5 5.07 -7.19 5.66
C LYS A 5 6.02 -7.88 6.62
N THR A 6 6.34 -9.13 6.30
CA THR A 6 7.26 -9.96 7.07
C THR A 6 8.00 -10.74 5.99
N VAL A 7 8.88 -11.66 6.36
CA VAL A 7 9.59 -12.42 5.34
C VAL A 7 8.91 -13.78 5.10
N LYS A 8 9.07 -14.32 3.89
CA LYS A 8 8.49 -15.60 3.54
C LYS A 8 9.07 -16.72 4.37
N GLU A 9 10.37 -16.66 4.60
CA GLU A 9 11.06 -17.67 5.39
C GLU A 9 12.31 -17.09 6.04
N LYS A 10 12.86 -17.82 7.01
CA LYS A 10 14.07 -17.38 7.71
C LYS A 10 15.15 -17.01 6.72
N LEU A 11 15.85 -15.91 7.01
CA LEU A 11 16.94 -15.43 6.18
C LEU A 11 18.12 -15.26 7.12
N SER A 12 19.30 -15.72 6.75
CA SER A 12 20.42 -15.56 7.66
C SER A 12 21.64 -14.93 7.00
N PHE A 13 22.38 -14.17 7.80
CA PHE A 13 23.59 -13.49 7.35
C PHE A 13 24.62 -13.62 8.45
N GLU A 14 25.89 -13.70 8.06
CA GLU A 14 26.95 -13.81 9.04
C GLU A 14 28.22 -13.15 8.52
N GLY A 15 29.12 -12.83 9.43
CA GLY A 15 30.36 -12.19 9.06
C GLY A 15 30.91 -11.46 10.25
N VAL A 16 31.99 -10.70 10.04
CA VAL A 16 32.60 -9.94 11.11
C VAL A 16 31.81 -8.66 11.37
N GLY A 17 31.92 -8.15 12.59
CA GLY A 17 31.26 -6.90 12.94
C GLY A 17 32.34 -5.86 12.70
N ILE A 18 31.99 -4.70 12.14
CA ILE A 18 33.01 -3.69 11.85
C ILE A 18 33.71 -3.16 13.11
N HIS A 19 32.98 -3.05 14.21
CA HIS A 19 33.58 -2.53 15.45
C HIS A 19 34.18 -3.56 16.41
N THR A 20 33.51 -4.67 16.62
CA THR A 20 34.02 -5.67 17.55
C THR A 20 35.10 -6.55 16.95
N GLY A 21 35.09 -6.69 15.64
CA GLY A 21 36.08 -7.52 14.99
C GLY A 21 35.69 -8.97 15.21
N GLU A 22 34.60 -9.17 15.93
CA GLU A 22 34.12 -10.52 16.24
C GLU A 22 33.16 -11.04 15.17
N TYR A 23 33.04 -12.36 15.11
CA TYR A 23 32.16 -13.01 14.14
C TYR A 23 30.76 -13.02 14.72
N SER A 24 29.76 -12.88 13.87
CA SER A 24 28.39 -12.89 14.34
C SER A 24 27.46 -13.35 13.24
N LYS A 25 26.24 -13.67 13.62
CA LYS A 25 25.24 -14.14 12.68
C LYS A 25 23.85 -13.64 13.03
N LEU A 26 23.02 -13.47 12.00
CA LEU A 26 21.65 -13.03 12.16
C LEU A 26 20.74 -14.05 11.54
N ILE A 27 19.55 -14.18 12.11
CA ILE A 27 18.54 -15.07 11.56
C ILE A 27 17.26 -14.26 11.66
N ILE A 28 16.77 -13.79 10.51
CA ILE A 28 15.55 -13.00 10.51
C ILE A 28 14.35 -13.92 10.46
N HIS A 29 13.56 -13.86 11.53
CA HIS A 29 12.37 -14.70 11.68
C HIS A 29 11.06 -13.99 11.38
N PRO A 30 10.14 -14.69 10.71
CA PRO A 30 8.83 -14.11 10.38
C PRO A 30 8.06 -13.89 11.67
N GLU A 31 7.16 -12.92 11.64
CA GLU A 31 6.32 -12.62 12.80
C GLU A 31 4.97 -12.21 12.26
N LYS A 32 3.95 -12.24 13.11
CA LYS A 32 2.62 -11.87 12.67
C LYS A 32 2.27 -10.41 12.87
N GLU A 33 1.20 -9.98 12.22
CA GLU A 33 0.74 -8.61 12.31
C GLU A 33 0.80 -8.07 13.74
N GLY A 34 1.24 -6.83 13.88
CA GLY A 34 1.31 -6.21 15.18
C GLY A 34 2.58 -6.44 15.97
N THR A 35 3.41 -7.39 15.54
CA THR A 35 4.65 -7.69 16.26
C THR A 35 5.64 -6.52 16.29
N GLY A 36 5.95 -5.98 15.11
CA GLY A 36 6.91 -4.90 15.00
C GLY A 36 8.29 -5.49 14.77
N ILE A 37 9.30 -4.64 14.69
CA ILE A 37 10.68 -5.09 14.47
C ILE A 37 11.38 -5.16 15.82
N ARG A 38 11.97 -6.31 16.11
CA ARG A 38 12.68 -6.49 17.37
C ARG A 38 13.84 -7.46 17.24
N PHE A 39 14.84 -7.30 18.10
CA PHE A 39 16.00 -8.17 18.09
C PHE A 39 15.90 -9.17 19.22
N PHE A 40 16.60 -10.29 19.08
CA PHE A 40 16.62 -11.32 20.10
C PHE A 40 18.06 -11.73 20.34
N LYS A 41 18.50 -11.60 21.59
CA LYS A 41 19.86 -11.98 21.96
C LYS A 41 19.88 -12.55 23.38
N ASN A 42 20.40 -13.77 23.51
CA ASN A 42 20.47 -14.44 24.82
C ASN A 42 19.16 -14.41 25.61
N GLY A 43 18.07 -14.79 24.96
CA GLY A 43 16.78 -14.82 25.62
C GLY A 43 16.14 -13.49 25.92
N VAL A 44 16.61 -12.42 25.28
CA VAL A 44 16.07 -11.10 25.53
C VAL A 44 15.62 -10.43 24.25
N TYR A 45 14.43 -9.85 24.28
CA TYR A 45 13.92 -9.15 23.11
C TYR A 45 14.22 -7.66 23.25
N ILE A 46 14.86 -7.11 22.23
CA ILE A 46 15.21 -5.70 22.23
C ILE A 46 14.45 -5.06 21.07
N PRO A 47 13.39 -4.31 21.37
CA PRO A 47 12.63 -3.66 20.30
C PRO A 47 13.49 -2.68 19.52
N ALA A 48 13.25 -2.59 18.21
CA ALA A 48 14.01 -1.64 17.38
C ALA A 48 13.39 -0.26 17.53
N ARG A 49 13.38 0.24 18.76
CA ARG A 49 12.82 1.55 19.07
C ARG A 49 13.85 2.41 19.81
N HIS A 50 13.71 3.73 19.68
CA HIS A 50 14.65 4.67 20.29
C HIS A 50 14.85 4.56 21.79
N GLU A 51 13.85 4.10 22.53
CA GLU A 51 13.99 3.96 23.97
C GLU A 51 15.13 3.01 24.33
N PHE A 52 15.51 2.12 23.42
CA PHE A 52 16.56 1.18 23.72
C PHE A 52 17.96 1.52 23.19
N VAL A 53 18.11 2.71 22.63
CA VAL A 53 19.41 3.13 22.13
C VAL A 53 20.34 3.31 23.33
N VAL A 54 21.59 2.87 23.20
CA VAL A 54 22.52 2.99 24.31
C VAL A 54 23.86 3.61 23.91
N HIS A 55 24.06 3.76 22.60
CA HIS A 55 25.29 4.33 22.08
C HIS A 55 25.06 4.85 20.67
N THR A 56 25.64 6.01 20.36
CA THR A 56 25.47 6.59 19.04
C THR A 56 26.76 7.15 18.44
N ASN A 57 27.90 6.69 18.92
CA ASN A 57 29.14 7.18 18.35
C ASN A 57 29.70 6.13 17.40
N HIS A 58 29.70 6.46 16.11
CA HIS A 58 30.23 5.58 15.06
C HIS A 58 29.35 4.38 14.71
N SER A 59 28.15 4.35 15.28
CA SER A 59 27.17 3.31 15.01
C SER A 59 26.00 3.51 15.97
N THR A 60 24.88 2.85 15.69
CA THR A 60 23.72 2.96 16.57
C THR A 60 23.57 1.62 17.27
N ASP A 61 23.67 1.63 18.60
CA ASP A 61 23.55 0.41 19.37
C ASP A 61 22.32 0.38 20.24
N LEU A 62 21.73 -0.81 20.34
CA LEU A 62 20.54 -1.03 21.15
C LEU A 62 20.90 -1.95 22.30
N GLY A 63 20.16 -1.84 23.39
CA GLY A 63 20.41 -2.68 24.54
C GLY A 63 19.22 -2.78 25.45
N PHE A 64 19.15 -3.88 26.20
CA PHE A 64 18.05 -4.09 27.14
C PHE A 64 18.39 -5.27 28.06
N LYS A 65 18.13 -5.09 29.35
CA LYS A 65 18.40 -6.13 30.34
C LYS A 65 19.81 -6.72 30.29
N GLY A 66 20.81 -5.88 30.07
CA GLY A 66 22.17 -6.37 30.03
C GLY A 66 22.61 -6.98 28.72
N GLN A 67 21.75 -6.92 27.71
CA GLN A 67 22.09 -7.47 26.40
C GLN A 67 22.24 -6.32 25.40
N ARG A 68 23.40 -6.21 24.78
CA ARG A 68 23.62 -5.14 23.82
C ARG A 68 23.89 -5.67 22.44
N ILE A 69 23.51 -4.87 21.45
CA ILE A 69 23.72 -5.21 20.04
C ILE A 69 24.18 -3.94 19.35
N LYS A 70 25.36 -4.00 18.73
CA LYS A 70 25.93 -2.85 18.05
C LYS A 70 25.66 -2.81 16.55
N THR A 71 25.60 -1.59 16.02
CA THR A 71 25.44 -1.34 14.60
C THR A 71 24.18 -1.90 13.95
N VAL A 72 23.03 -1.41 14.39
CA VAL A 72 21.75 -1.86 13.86
C VAL A 72 21.23 -0.99 12.71
N GLU A 73 21.94 0.09 12.41
CA GLU A 73 21.50 1.02 11.38
C GLU A 73 21.31 0.51 9.96
N HIS A 74 22.18 -0.38 9.50
CA HIS A 74 22.04 -0.87 8.13
C HIS A 74 20.92 -1.88 7.94
N ILE A 75 20.77 -2.79 8.88
CA ILE A 75 19.71 -3.77 8.74
C ILE A 75 18.35 -3.08 8.92
N LEU A 76 18.28 -2.12 9.84
CA LEU A 76 17.02 -1.41 10.05
C LEU A 76 16.65 -0.52 8.86
N SER A 77 17.66 0.06 8.21
CA SER A 77 17.41 0.92 7.06
C SER A 77 16.78 0.11 5.93
N VAL A 78 17.39 -1.04 5.64
CA VAL A 78 16.90 -1.92 4.61
C VAL A 78 15.46 -2.33 4.95
N LEU A 79 15.23 -2.70 6.20
CA LEU A 79 13.90 -3.12 6.63
C LEU A 79 12.91 -1.97 6.44
N HIS A 80 13.33 -0.77 6.83
CA HIS A 80 12.50 0.41 6.70
C HIS A 80 12.14 0.65 5.23
N LEU A 81 13.16 0.60 4.36
CA LEU A 81 12.96 0.83 2.93
C LEU A 81 12.06 -0.20 2.26
N LEU A 82 12.13 -1.45 2.69
CA LEU A 82 11.29 -2.50 2.10
C LEU A 82 9.96 -2.57 2.83
N GLU A 83 9.85 -1.76 3.87
CA GLU A 83 8.63 -1.70 4.67
C GLU A 83 8.32 -3.03 5.36
N ILE A 84 9.36 -3.73 5.79
CA ILE A 84 9.21 -4.98 6.53
C ILE A 84 8.86 -4.50 7.94
N THR A 85 7.67 -4.87 8.42
CA THR A 85 7.22 -4.39 9.72
C THR A 85 7.18 -5.41 10.85
N ASN A 86 7.20 -6.70 10.52
CA ASN A 86 7.12 -7.73 11.53
C ASN A 86 8.15 -8.83 11.39
N VAL A 87 9.21 -8.75 12.19
CA VAL A 87 10.27 -9.75 12.19
C VAL A 87 11.03 -9.74 13.51
N THR A 88 11.67 -10.85 13.82
CA THR A 88 12.49 -10.96 15.01
C THR A 88 13.87 -11.23 14.46
N ILE A 89 14.82 -10.35 14.77
CA ILE A 89 16.19 -10.51 14.29
C ILE A 89 17.08 -11.17 15.34
N GLU A 90 17.15 -12.50 15.28
CA GLU A 90 17.97 -13.26 16.20
C GLU A 90 19.42 -12.90 15.95
N VAL A 91 20.14 -12.54 17.00
CA VAL A 91 21.53 -12.18 16.86
C VAL A 91 22.48 -13.07 17.66
N ILE A 92 23.40 -13.72 16.94
CA ILE A 92 24.42 -14.57 17.54
C ILE A 92 25.69 -13.74 17.53
N GLY A 93 25.90 -12.97 18.60
CA GLY A 93 27.07 -12.12 18.66
C GLY A 93 26.71 -10.85 19.38
N ASN A 94 27.59 -9.85 19.30
CA ASN A 94 27.35 -8.59 19.97
C ASN A 94 27.18 -7.45 19.00
N GLU A 95 27.09 -7.78 17.72
CA GLU A 95 26.95 -6.75 16.69
C GLU A 95 26.43 -7.36 15.39
N ILE A 96 25.77 -6.54 14.58
CA ILE A 96 25.25 -6.98 13.29
C ILE A 96 26.45 -7.09 12.34
N PRO A 97 26.51 -8.15 11.53
CA PRO A 97 27.63 -8.30 10.59
C PRO A 97 27.67 -7.09 9.64
N ILE A 98 28.84 -6.52 9.41
CA ILE A 98 28.94 -5.35 8.54
C ILE A 98 28.87 -5.68 7.06
N LEU A 99 29.20 -6.93 6.72
CA LEU A 99 29.23 -7.41 5.34
C LEU A 99 30.11 -6.52 4.45
N ASP A 100 29.60 -6.02 3.33
CA ASP A 100 30.45 -5.20 2.47
C ASP A 100 30.41 -3.72 2.86
N GLY A 101 29.74 -3.42 3.96
CA GLY A 101 29.65 -2.04 4.43
C GLY A 101 28.39 -1.31 4.03
N SER A 102 27.58 -1.91 3.16
CA SER A 102 26.33 -1.28 2.71
C SER A 102 25.15 -2.16 3.11
N GLY A 103 24.01 -1.95 2.45
CA GLY A 103 22.85 -2.76 2.77
C GLY A 103 22.46 -3.63 1.61
N TRP A 104 23.34 -3.73 0.62
CA TRP A 104 23.07 -4.54 -0.57
C TRP A 104 22.67 -6.00 -0.35
N GLU A 105 23.47 -6.74 0.40
CA GLU A 105 23.18 -8.14 0.66
C GLU A 105 21.84 -8.31 1.37
N PHE A 106 21.59 -7.46 2.37
CA PHE A 106 20.34 -7.49 3.12
C PHE A 106 19.18 -7.21 2.16
N TYR A 107 19.31 -6.12 1.42
CA TYR A 107 18.29 -5.68 0.47
C TYR A 107 17.89 -6.75 -0.54
N GLU A 108 18.87 -7.37 -1.21
CA GLU A 108 18.59 -8.40 -2.20
C GLU A 108 17.88 -9.62 -1.64
N ALA A 109 18.36 -10.11 -0.50
CA ALA A 109 17.77 -11.28 0.12
C ALA A 109 16.34 -11.01 0.57
N ILE A 110 16.19 -10.00 1.41
CA ILE A 110 14.88 -9.63 1.95
C ILE A 110 13.87 -9.26 0.87
N ARG A 111 14.31 -8.47 -0.10
CA ARG A 111 13.47 -8.02 -1.19
C ARG A 111 12.70 -9.14 -1.88
N LYS A 112 13.39 -10.26 -2.15
CA LYS A 112 12.75 -11.37 -2.81
C LYS A 112 12.15 -12.38 -1.83
N ASN A 113 11.78 -11.91 -0.65
CA ASN A 113 11.17 -12.77 0.36
C ASN A 113 10.15 -12.04 1.18
N ILE A 114 9.60 -10.97 0.59
CA ILE A 114 8.58 -10.18 1.28
C ILE A 114 7.27 -10.96 1.27
N LEU A 115 6.58 -10.92 2.41
CA LEU A 115 5.29 -11.58 2.54
C LEU A 115 4.31 -10.55 3.05
N ASN A 116 3.38 -10.13 2.19
CA ASN A 116 2.38 -9.16 2.61
C ASN A 116 1.46 -9.81 3.63
N GLN A 117 0.98 -8.99 4.56
CA GLN A 117 0.11 -9.49 5.62
C GLN A 117 -1.24 -8.78 5.63
N ASN A 118 -2.09 -9.14 6.58
CA ASN A 118 -3.44 -8.56 6.62
C ASN A 118 -3.64 -7.36 7.52
N ARG A 119 -2.84 -6.33 7.33
CA ARG A 119 -3.01 -5.14 8.14
C ARG A 119 -2.36 -3.97 7.45
N GLU A 120 -3.04 -2.85 7.47
CA GLU A 120 -2.53 -1.63 6.87
C GLU A 120 -1.47 -1.11 7.83
N ILE A 121 -0.37 -0.62 7.27
CA ILE A 121 0.71 -0.07 8.07
C ILE A 121 0.21 1.20 8.72
N ASP A 122 0.57 1.39 9.99
CA ASP A 122 0.20 2.59 10.71
C ASP A 122 1.48 3.41 10.74
N TYR A 123 1.72 4.15 9.68
CA TYR A 123 2.94 4.96 9.56
C TYR A 123 3.11 6.04 10.60
N PHE A 124 4.38 6.36 10.89
CA PHE A 124 4.67 7.45 11.80
C PHE A 124 4.70 8.66 10.88
N VAL A 125 3.76 9.58 11.07
CA VAL A 125 3.72 10.73 10.19
C VAL A 125 4.11 12.03 10.87
N VAL A 126 5.13 12.69 10.31
CA VAL A 126 5.60 13.97 10.82
C VAL A 126 4.42 14.94 10.63
N GLU A 127 3.93 15.48 11.74
CA GLU A 127 2.77 16.39 11.69
C GLU A 127 3.16 17.85 11.55
N GLU A 128 4.25 18.26 12.19
CA GLU A 128 4.67 19.64 12.12
C GLU A 128 6.18 19.79 11.98
N PRO A 129 6.62 20.92 11.41
CA PRO A 129 8.04 21.22 11.20
C PRO A 129 8.84 21.14 12.52
N ILE A 130 10.10 20.72 12.41
CA ILE A 130 10.96 20.60 13.57
C ILE A 130 12.43 20.62 13.17
N ILE A 131 13.27 21.20 14.02
CA ILE A 131 14.70 21.29 13.76
C ILE A 131 15.53 20.96 15.00
N VAL A 132 16.64 20.26 14.80
CA VAL A 132 17.53 19.93 15.91
C VAL A 132 18.92 20.33 15.44
N GLU A 133 19.68 20.96 16.33
CA GLU A 133 21.03 21.43 15.99
C GLU A 133 22.07 20.96 16.98
N ASP A 134 23.33 20.99 16.55
CA ASP A 134 24.42 20.57 17.41
C ASP A 134 25.75 20.97 16.78
N GLU A 135 26.28 22.10 17.24
CA GLU A 135 27.55 22.61 16.76
C GLU A 135 27.76 22.42 15.27
N GLY A 136 27.01 23.18 14.48
CA GLY A 136 27.15 23.07 13.04
C GLY A 136 26.19 22.09 12.41
N ARG A 137 26.07 20.91 13.01
CA ARG A 137 25.18 19.89 12.50
C ARG A 137 23.73 20.32 12.70
N LEU A 138 22.88 19.97 11.73
CA LEU A 138 21.48 20.34 11.81
C LEU A 138 20.61 19.38 11.00
N ILE A 139 19.47 19.00 11.58
CA ILE A 139 18.52 18.14 10.89
C ILE A 139 17.15 18.79 10.97
N LYS A 140 16.46 18.82 9.84
CA LYS A 140 15.14 19.41 9.76
C LYS A 140 14.13 18.40 9.25
N ALA A 141 12.96 18.38 9.86
CA ALA A 141 11.90 17.48 9.46
C ALA A 141 10.61 18.26 9.29
N GLU A 142 9.85 17.92 8.27
CA GLU A 142 8.58 18.57 8.00
C GLU A 142 7.65 17.58 7.31
N PRO A 143 6.34 17.79 7.43
CA PRO A 143 5.32 16.93 6.83
C PRO A 143 5.52 16.60 5.36
N SER A 144 5.13 15.38 4.99
CA SER A 144 5.24 14.92 3.61
C SER A 144 4.48 13.61 3.44
N ASP A 145 3.82 13.45 2.30
CA ASP A 145 3.05 12.24 2.04
C ASP A 145 3.96 11.06 1.80
N THR A 146 5.22 11.33 1.50
CA THR A 146 6.20 10.29 1.22
C THR A 146 7.46 10.48 2.04
N LEU A 147 8.28 9.44 2.09
CA LEU A 147 9.54 9.52 2.82
C LEU A 147 10.59 10.13 1.86
N GLU A 148 11.06 11.32 2.19
CA GLU A 148 12.06 11.99 1.38
C GLU A 148 13.17 12.42 2.31
N VAL A 149 14.38 11.96 2.01
CA VAL A 149 15.53 12.28 2.85
C VAL A 149 16.67 12.89 2.05
N THR A 150 17.08 14.09 2.47
CA THR A 150 18.18 14.77 1.80
C THR A 150 19.29 14.95 2.81
N TYR A 151 20.51 14.66 2.39
CA TYR A 151 21.67 14.83 3.26
C TYR A 151 22.67 15.75 2.58
N GLU A 152 23.15 16.75 3.30
CA GLU A 152 24.14 17.64 2.74
C GLU A 152 25.40 17.57 3.58
N GLY A 153 26.47 17.07 2.96
CA GLY A 153 27.75 16.95 3.65
C GLY A 153 28.74 18.03 3.23
N GLU A 154 29.58 18.40 4.16
CA GLU A 154 30.61 19.39 3.94
C GLU A 154 31.87 18.77 4.51
N PHE A 155 32.67 18.18 3.63
CA PHE A 155 33.89 17.50 4.05
C PHE A 155 35.16 18.32 3.88
N LYS A 156 36.12 18.09 4.77
CA LYS A 156 37.38 18.79 4.69
C LYS A 156 38.38 18.01 3.85
N ASN A 157 37.93 17.57 2.67
CA ASN A 157 38.79 16.84 1.76
C ASN A 157 38.24 17.03 0.34
N PHE A 158 38.71 16.27 -0.63
CA PHE A 158 38.25 16.44 -2.00
C PHE A 158 36.74 16.37 -2.19
N LEU A 159 36.06 15.61 -1.34
CA LEU A 159 34.61 15.51 -1.44
C LEU A 159 33.95 16.89 -1.42
N GLY A 160 34.51 17.80 -0.65
CA GLY A 160 33.96 19.14 -0.56
C GLY A 160 32.54 19.17 -0.04
N ARG A 161 31.67 19.89 -0.73
CA ARG A 161 30.27 20.01 -0.34
C ARG A 161 29.35 19.26 -1.30
N GLN A 162 28.76 18.16 -0.82
CA GLN A 162 27.85 17.36 -1.64
C GLN A 162 26.53 17.12 -0.93
N LYS A 163 25.47 16.93 -1.70
CA LYS A 163 24.18 16.66 -1.13
C LYS A 163 23.48 15.65 -2.02
N PHE A 164 22.67 14.80 -1.41
CA PHE A 164 21.94 13.78 -2.15
C PHE A 164 20.53 13.67 -1.59
N THR A 165 19.56 13.43 -2.46
CA THR A 165 18.18 13.29 -2.01
C THR A 165 17.58 11.95 -2.41
N PHE A 166 17.03 11.27 -1.41
CA PHE A 166 16.36 10.00 -1.64
C PHE A 166 14.87 10.27 -1.67
N VAL A 167 14.17 9.57 -2.54
CA VAL A 167 12.72 9.69 -2.61
C VAL A 167 12.19 8.28 -2.79
N GLU A 168 11.03 7.99 -2.21
CA GLU A 168 10.44 6.66 -2.34
C GLU A 168 10.53 6.21 -3.80
N GLY A 169 11.07 5.01 -4.00
CA GLY A 169 11.22 4.47 -5.33
C GLY A 169 12.67 4.42 -5.76
N ASN A 170 13.52 5.18 -5.10
CA ASN A 170 14.94 5.21 -5.44
C ASN A 170 15.79 4.42 -4.43
N GLU A 171 15.18 3.42 -3.81
CA GLU A 171 15.86 2.58 -2.83
C GLU A 171 17.22 2.09 -3.32
N GLU A 172 17.26 1.58 -4.55
CA GLU A 172 18.48 1.05 -5.12
C GLU A 172 19.63 2.03 -5.29
N GLU A 173 19.38 3.30 -5.03
CA GLU A 173 20.43 4.30 -5.18
C GLU A 173 21.23 4.53 -3.92
N ILE A 174 20.73 4.05 -2.79
CA ILE A 174 21.43 4.22 -1.52
C ILE A 174 21.82 2.92 -0.83
N VAL A 175 21.24 1.79 -1.26
CA VAL A 175 21.54 0.51 -0.62
C VAL A 175 22.90 -0.11 -0.94
N LEU A 176 23.64 0.50 -1.86
CA LEU A 176 24.97 0.01 -2.21
C LEU A 176 26.05 0.94 -1.68
N ALA A 177 25.66 2.12 -1.22
CA ALA A 177 26.64 3.07 -0.70
C ALA A 177 27.24 2.53 0.62
N ARG A 178 28.58 2.42 0.65
CA ARG A 178 29.27 1.89 1.81
C ARG A 178 29.64 2.89 2.88
N THR A 179 29.97 2.36 4.07
CA THR A 179 30.39 3.17 5.20
C THR A 179 31.79 3.64 4.82
N PHE A 180 32.13 4.85 5.24
CA PHE A 180 33.42 5.43 4.91
C PHE A 180 34.11 5.98 6.15
N ALA A 181 35.41 6.15 6.06
CA ALA A 181 36.18 6.67 7.16
C ALA A 181 37.38 7.38 6.56
N PHE A 182 37.86 8.40 7.27
CA PHE A 182 39.02 9.15 6.81
C PHE A 182 40.25 8.60 7.52
N ASP A 183 41.36 8.49 6.80
CA ASP A 183 42.58 7.96 7.39
C ASP A 183 42.95 8.70 8.68
N TRP A 184 42.66 9.99 8.74
CA TRP A 184 43.03 10.77 9.92
C TRP A 184 42.16 10.50 11.13
N GLU A 185 41.12 9.69 10.99
CA GLU A 185 40.28 9.37 12.14
C GLU A 185 40.39 7.91 12.56
N ILE A 186 41.17 7.14 11.81
CA ILE A 186 41.36 5.72 12.09
C ILE A 186 42.01 5.48 13.46
N GLU A 187 43.01 6.28 13.83
CA GLU A 187 43.66 6.09 15.12
C GLU A 187 42.69 6.32 16.25
N HIS A 188 41.85 7.33 16.11
CA HIS A 188 40.85 7.64 17.14
C HIS A 188 39.87 6.48 17.32
N ILE A 189 39.22 6.08 16.24
CA ILE A 189 38.26 5.00 16.27
C ILE A 189 38.86 3.77 16.94
N LYS A 190 40.07 3.40 16.54
CA LYS A 190 40.75 2.25 17.12
C LYS A 190 41.05 2.49 18.59
N LYS A 191 41.53 3.69 18.90
CA LYS A 191 41.88 4.06 20.27
C LYS A 191 40.71 3.92 21.23
N VAL A 192 39.53 4.32 20.79
CA VAL A 192 38.33 4.26 21.63
C VAL A 192 37.62 2.91 21.62
N GLY A 193 38.36 1.85 21.33
CA GLY A 193 37.77 0.52 21.35
C GLY A 193 36.89 0.11 20.19
N LEU A 194 36.78 0.95 19.16
CA LEU A 194 35.93 0.62 18.02
C LEU A 194 36.74 0.23 16.79
N GLY A 195 36.04 -0.01 15.69
CA GLY A 195 36.67 -0.37 14.42
C GLY A 195 37.56 -1.60 14.34
N LYS A 196 37.47 -2.48 15.34
CA LYS A 196 38.30 -3.68 15.33
C LYS A 196 38.10 -4.59 14.12
N GLY A 197 36.99 -4.46 13.41
CA GLY A 197 36.75 -5.31 12.27
C GLY A 197 36.73 -4.60 10.94
N GLY A 198 37.19 -3.35 10.92
CA GLY A 198 37.20 -2.59 9.68
C GLY A 198 38.31 -2.98 8.74
N SER A 199 38.06 -2.87 7.44
CA SER A 199 39.06 -3.18 6.41
C SER A 199 38.60 -2.55 5.10
N LEU A 200 39.47 -2.55 4.09
CA LEU A 200 39.12 -1.99 2.79
C LEU A 200 38.01 -2.82 2.16
N LYS A 201 37.74 -3.98 2.74
CA LYS A 201 36.70 -4.87 2.23
C LYS A 201 35.31 -4.50 2.71
N ASN A 202 35.22 -3.74 3.81
CA ASN A 202 33.91 -3.33 4.33
C ASN A 202 33.84 -1.83 4.62
N THR A 203 34.92 -1.11 4.33
CA THR A 203 34.93 0.32 4.60
C THR A 203 35.67 1.10 3.51
N LEU A 204 35.12 2.25 3.19
CA LEU A 204 35.70 3.13 2.19
C LEU A 204 36.61 4.11 2.95
N VAL A 205 37.91 3.97 2.77
CA VAL A 205 38.86 4.85 3.46
C VAL A 205 39.31 5.98 2.55
N LEU A 206 39.04 7.21 2.97
CA LEU A 206 39.37 8.40 2.20
C LEU A 206 40.43 9.27 2.84
N GLY A 207 41.33 9.79 2.02
CA GLY A 207 42.37 10.66 2.51
C GLY A 207 42.06 12.09 2.15
N LYS A 208 42.95 13.02 2.49
CA LYS A 208 42.72 14.43 2.19
C LYS A 208 42.46 14.61 0.69
N ASP A 209 43.01 13.70 -0.12
CA ASP A 209 42.82 13.78 -1.55
C ASP A 209 43.08 12.45 -2.23
N LYS A 210 42.85 11.37 -1.50
CA LYS A 210 43.03 10.04 -2.03
C LYS A 210 41.99 9.02 -1.56
N VAL A 211 41.82 7.96 -2.33
CA VAL A 211 40.88 6.88 -2.04
C VAL A 211 41.66 5.58 -2.00
N TYR A 212 41.91 5.06 -0.81
CA TYR A 212 42.69 3.84 -0.69
C TYR A 212 42.10 2.59 -1.31
N ASN A 213 40.78 2.45 -1.29
CA ASN A 213 40.19 1.25 -1.88
C ASN A 213 40.57 1.19 -3.35
N PRO A 214 41.13 0.06 -3.79
CA PRO A 214 41.53 -0.07 -5.20
C PRO A 214 40.34 0.10 -6.15
N GLU A 215 39.16 -0.35 -5.72
CA GLU A 215 37.95 -0.27 -6.54
C GLU A 215 37.40 1.15 -6.62
N GLY A 216 37.86 2.04 -5.75
CA GLY A 216 37.40 3.41 -5.77
C GLY A 216 35.98 3.59 -5.25
N LEU A 217 35.36 4.74 -5.54
CA LEU A 217 33.99 5.03 -5.10
C LEU A 217 32.94 4.42 -6.04
N ARG A 218 31.81 3.98 -5.48
CA ARG A 218 30.74 3.40 -6.28
C ARG A 218 29.95 4.54 -6.91
N TYR A 219 30.07 5.73 -6.31
CA TYR A 219 29.40 6.94 -6.80
C TYR A 219 30.32 8.07 -6.33
N GLU A 220 30.40 9.15 -7.10
CA GLU A 220 31.24 10.27 -6.70
C GLU A 220 30.81 10.80 -5.34
N ASN A 221 29.54 10.62 -5.00
CA ASN A 221 29.01 11.10 -3.74
C ASN A 221 28.55 9.94 -2.84
N GLU A 222 29.19 8.79 -3.02
CA GLU A 222 28.84 7.62 -2.23
C GLU A 222 28.70 7.91 -0.73
N PRO A 223 29.59 8.73 -0.16
CA PRO A 223 29.50 9.04 1.27
C PRO A 223 28.19 9.69 1.74
N VAL A 224 27.66 10.68 1.01
CA VAL A 224 26.41 11.29 1.46
C VAL A 224 25.23 10.37 1.19
N ARG A 225 25.40 9.46 0.24
CA ARG A 225 24.34 8.51 -0.04
C ARG A 225 24.28 7.57 1.14
N HIS A 226 25.45 7.25 1.70
CA HIS A 226 25.48 6.36 2.85
C HIS A 226 24.85 7.05 4.05
N LYS A 227 25.13 8.34 4.21
CA LYS A 227 24.55 9.09 5.32
C LYS A 227 23.03 9.05 5.21
N VAL A 228 22.53 9.20 3.99
CA VAL A 228 21.10 9.14 3.78
C VAL A 228 20.66 7.75 4.23
N PHE A 229 21.39 6.73 3.78
CA PHE A 229 21.10 5.35 4.15
C PHE A 229 21.06 5.19 5.68
N ASP A 230 22.06 5.72 6.37
CA ASP A 230 22.12 5.64 7.84
C ASP A 230 20.92 6.30 8.50
N LEU A 231 20.56 7.48 8.01
CA LEU A 231 19.44 8.23 8.56
C LEU A 231 18.11 7.48 8.40
N ILE A 232 17.94 6.78 7.28
CA ILE A 232 16.70 6.02 7.05
C ILE A 232 16.59 4.95 8.13
N GLY A 233 17.72 4.31 8.44
CA GLY A 233 17.73 3.28 9.47
C GLY A 233 17.44 3.84 10.84
N ASP A 234 18.04 4.99 11.16
CA ASP A 234 17.81 5.60 12.45
C ASP A 234 16.36 6.05 12.61
N LEU A 235 15.77 6.50 11.51
CA LEU A 235 14.39 6.95 11.55
C LEU A 235 13.44 5.80 11.89
N TYR A 236 13.83 4.58 11.53
CA TYR A 236 12.96 3.45 11.81
C TYR A 236 12.85 3.19 13.31
N LEU A 237 13.70 3.84 14.10
CA LEU A 237 13.64 3.68 15.55
C LEU A 237 12.37 4.34 16.10
N LEU A 238 11.63 5.00 15.22
CA LEU A 238 10.40 5.65 15.62
C LEU A 238 9.32 4.61 15.87
N GLY A 239 9.61 3.35 15.53
CA GLY A 239 8.65 2.30 15.77
C GLY A 239 7.89 1.80 14.56
N SER A 240 7.81 2.60 13.49
CA SER A 240 7.11 2.20 12.29
C SER A 240 7.58 2.98 11.07
N PRO A 241 7.25 2.52 9.86
CA PRO A 241 7.67 3.24 8.65
C PRO A 241 7.32 4.72 8.78
N VAL A 242 8.24 5.57 8.35
CA VAL A 242 8.07 7.00 8.45
C VAL A 242 7.65 7.70 7.15
N LYS A 243 6.84 8.75 7.30
CA LYS A 243 6.38 9.55 6.17
C LYS A 243 6.72 10.97 6.58
N GLY A 244 7.67 11.58 5.87
CA GLY A 244 8.07 12.94 6.18
C GLY A 244 9.24 13.37 5.32
N LYS A 245 9.49 14.67 5.28
CA LYS A 245 10.59 15.21 4.48
C LYS A 245 11.72 15.64 5.41
N PHE A 246 12.88 15.02 5.26
CA PHE A 246 14.02 15.33 6.12
C PHE A 246 15.21 15.93 5.39
N TYR A 247 15.87 16.87 6.07
CA TYR A 247 17.06 17.51 5.52
C TYR A 247 18.10 17.50 6.61
N SER A 248 19.20 16.79 6.38
CA SER A 248 20.27 16.72 7.36
C SER A 248 21.53 17.36 6.82
N PHE A 249 22.05 18.33 7.56
CA PHE A 249 23.29 18.99 7.17
C PHE A 249 24.38 18.57 8.17
N ARG A 250 25.29 17.71 7.71
CA ARG A 250 26.40 17.23 8.52
C ARG A 250 25.99 16.29 9.67
N GLY A 251 24.77 15.78 9.61
CA GLY A 251 24.29 14.91 10.67
C GLY A 251 24.99 13.57 10.85
N GLY A 252 24.80 12.99 12.03
CA GLY A 252 25.38 11.71 12.36
C GLY A 252 24.36 10.93 13.17
N HIS A 253 24.67 9.69 13.54
CA HIS A 253 23.73 8.87 14.33
C HIS A 253 23.24 9.57 15.59
N SER A 254 24.16 10.27 16.22
CA SER A 254 23.87 10.98 17.45
C SER A 254 22.76 12.01 17.27
N LEU A 255 22.84 12.79 16.21
CA LEU A 255 21.84 13.81 15.93
C LEU A 255 20.57 13.16 15.38
N ASN A 256 20.73 12.10 14.58
CA ASN A 256 19.60 11.40 14.02
C ASN A 256 18.72 10.91 15.16
N VAL A 257 19.34 10.29 16.15
CA VAL A 257 18.63 9.76 17.30
C VAL A 257 17.99 10.89 18.10
N LYS A 258 18.72 11.99 18.27
CA LYS A 258 18.18 13.12 19.00
C LYS A 258 16.89 13.60 18.33
N LEU A 259 16.91 13.65 16.99
CA LEU A 259 15.73 14.06 16.24
C LEU A 259 14.60 13.05 16.46
N VAL A 260 14.95 11.77 16.43
CA VAL A 260 13.95 10.73 16.62
C VAL A 260 13.23 10.86 17.96
N LYS A 261 13.98 11.07 19.04
CA LYS A 261 13.40 11.20 20.35
C LYS A 261 12.58 12.48 20.44
N GLU A 262 12.95 13.48 19.65
CA GLU A 262 12.23 14.75 19.62
C GLU A 262 10.86 14.56 18.98
N LEU A 263 10.85 13.86 17.86
CA LEU A 263 9.60 13.60 17.15
C LEU A 263 8.71 12.71 18.01
N ALA A 264 9.32 11.72 18.65
CA ALA A 264 8.57 10.79 19.50
C ALA A 264 7.95 11.54 20.67
N LYS A 265 8.73 12.42 21.31
CA LYS A 265 8.24 13.20 22.45
C LYS A 265 6.98 13.96 22.09
N LYS A 266 6.93 14.50 20.87
CA LYS A 266 5.77 15.23 20.43
C LYS A 266 4.64 14.26 20.09
N GLN A 267 4.55 13.19 20.89
CA GLN A 267 3.55 12.14 20.76
C GLN A 267 2.92 12.11 19.37
N LYS A 268 3.79 12.14 18.36
CA LYS A 268 3.37 12.15 16.96
C LYS A 268 3.14 10.74 16.38
N GLY B 2 -14.40 16.32 -17.87
CA GLY B 2 -13.97 16.47 -16.45
C GLY B 2 -12.51 16.10 -16.26
N LEU B 3 -11.94 16.54 -15.15
CA LEU B 3 -10.53 16.26 -14.85
C LEU B 3 -10.39 14.94 -14.10
N GLU B 4 -9.26 14.26 -14.30
CA GLU B 4 -9.02 13.01 -13.60
C GLU B 4 -9.04 13.32 -12.11
N LYS B 5 -9.46 12.35 -11.30
CA LYS B 5 -9.50 12.58 -9.87
C LYS B 5 -8.92 11.39 -9.13
N THR B 6 -8.48 11.65 -7.90
CA THR B 6 -7.92 10.64 -7.02
C THR B 6 -8.43 11.08 -5.65
N VAL B 7 -8.06 10.39 -4.59
CA VAL B 7 -8.54 10.80 -3.26
C VAL B 7 -7.51 11.68 -2.55
N LYS B 8 -7.98 12.54 -1.66
CA LYS B 8 -7.11 13.44 -0.90
C LYS B 8 -6.17 12.66 -0.01
N GLU B 9 -6.69 11.61 0.61
CA GLU B 9 -5.90 10.79 1.51
C GLU B 9 -6.45 9.37 1.57
N LYS B 10 -5.65 8.44 2.10
CA LYS B 10 -6.06 7.05 2.23
C LYS B 10 -7.42 6.96 2.88
N LEU B 11 -8.27 6.09 2.36
CA LEU B 11 -9.60 5.85 2.91
C LEU B 11 -9.70 4.34 3.13
N SER B 12 -10.17 3.91 4.29
CA SER B 12 -10.26 2.49 4.51
C SER B 12 -11.63 2.01 4.95
N PHE B 13 -11.98 0.81 4.53
CA PHE B 13 -13.25 0.18 4.86
C PHE B 13 -12.99 -1.29 5.19
N GLU B 14 -13.77 -1.83 6.11
CA GLU B 14 -13.61 -3.23 6.48
C GLU B 14 -14.94 -3.83 6.89
N GLY B 15 -15.01 -5.15 6.85
CA GLY B 15 -16.23 -5.83 7.22
C GLY B 15 -16.22 -7.20 6.58
N VAL B 16 -17.34 -7.90 6.70
CA VAL B 16 -17.44 -9.23 6.13
C VAL B 16 -17.72 -9.14 4.62
N GLY B 17 -17.35 -10.19 3.89
CA GLY B 17 -17.62 -10.23 2.46
C GLY B 17 -18.93 -10.99 2.37
N ILE B 18 -19.84 -10.58 1.49
CA ILE B 18 -21.13 -11.25 1.41
C ILE B 18 -21.04 -12.72 1.00
N HIS B 19 -20.09 -13.06 0.14
CA HIS B 19 -19.94 -14.43 -0.31
C HIS B 19 -19.00 -15.33 0.46
N THR B 20 -17.84 -14.81 0.85
CA THR B 20 -16.88 -15.63 1.59
C THR B 20 -17.21 -15.77 3.06
N GLY B 21 -17.92 -14.78 3.60
CA GLY B 21 -18.25 -14.82 5.01
C GLY B 21 -17.02 -14.45 5.81
N GLU B 22 -15.93 -14.18 5.09
CA GLU B 22 -14.66 -13.84 5.72
C GLU B 22 -14.54 -12.32 5.93
N TYR B 23 -13.68 -11.94 6.87
CA TYR B 23 -13.45 -10.54 7.17
C TYR B 23 -12.43 -10.02 6.16
N SER B 24 -12.57 -8.76 5.78
CA SER B 24 -11.63 -8.16 4.84
C SER B 24 -11.58 -6.66 5.00
N LYS B 25 -10.55 -6.05 4.43
CA LYS B 25 -10.38 -4.62 4.53
C LYS B 25 -9.82 -4.04 3.24
N LEU B 26 -10.15 -2.78 2.98
CA LEU B 26 -9.68 -2.06 1.80
C LEU B 26 -8.97 -0.80 2.26
N ILE B 27 -7.99 -0.38 1.49
CA ILE B 27 -7.30 0.86 1.77
C ILE B 27 -7.14 1.49 0.40
N ILE B 28 -7.90 2.55 0.15
CA ILE B 28 -7.83 3.21 -1.14
C ILE B 28 -6.69 4.23 -1.12
N HIS B 29 -5.70 3.99 -1.96
CA HIS B 29 -4.53 4.84 -2.06
C HIS B 29 -4.54 5.78 -3.24
N PRO B 30 -4.06 7.02 -3.03
CA PRO B 30 -4.01 8.02 -4.11
C PRO B 30 -2.99 7.57 -5.15
N GLU B 31 -3.19 8.00 -6.38
CA GLU B 31 -2.28 7.68 -7.46
C GLU B 31 -2.23 8.89 -8.37
N LYS B 32 -1.21 8.97 -9.21
CA LYS B 32 -1.08 10.12 -10.09
C LYS B 32 -1.72 9.91 -11.46
N GLU B 33 -1.89 11.02 -12.18
CA GLU B 33 -2.48 10.99 -13.51
C GLU B 33 -1.97 9.83 -14.35
N GLY B 34 -2.88 9.19 -15.08
CA GLY B 34 -2.49 8.09 -15.92
C GLY B 34 -2.46 6.71 -15.28
N THR B 35 -2.51 6.65 -13.95
CA THR B 35 -2.48 5.37 -13.26
C THR B 35 -3.68 4.45 -13.58
N GLY B 36 -4.89 4.97 -13.40
CA GLY B 36 -6.08 4.19 -13.64
C GLY B 36 -6.52 3.56 -12.33
N ILE B 37 -7.58 2.77 -12.38
CA ILE B 37 -8.07 2.11 -11.17
C ILE B 37 -7.53 0.68 -11.16
N ARG B 38 -6.90 0.30 -10.05
CA ARG B 38 -6.36 -1.05 -9.95
C ARG B 38 -6.38 -1.54 -8.50
N PHE B 39 -6.43 -2.85 -8.35
CA PHE B 39 -6.44 -3.46 -7.03
C PHE B 39 -5.05 -4.01 -6.69
N PHE B 40 -4.79 -4.16 -5.41
CA PHE B 40 -3.52 -4.71 -4.98
C PHE B 40 -3.78 -5.78 -3.92
N LYS B 41 -3.32 -6.99 -4.18
CA LYS B 41 -3.49 -8.10 -3.24
C LYS B 41 -2.26 -9.01 -3.28
N ASN B 42 -1.66 -9.24 -2.12
CA ASN B 42 -0.47 -10.09 -2.00
C ASN B 42 0.62 -9.78 -3.03
N GLY B 43 0.97 -8.50 -3.16
CA GLY B 43 2.02 -8.10 -4.09
C GLY B 43 1.67 -8.16 -5.56
N VAL B 44 0.37 -8.23 -5.87
CA VAL B 44 -0.06 -8.29 -7.26
C VAL B 44 -1.05 -7.19 -7.60
N TYR B 45 -0.83 -6.52 -8.72
CA TYR B 45 -1.76 -5.49 -9.14
C TYR B 45 -2.75 -6.07 -10.13
N ILE B 46 -4.03 -5.87 -9.84
CA ILE B 46 -5.09 -6.37 -10.70
C ILE B 46 -5.84 -5.16 -11.22
N PRO B 47 -5.62 -4.81 -12.49
CA PRO B 47 -6.32 -3.65 -13.06
C PRO B 47 -7.84 -3.86 -13.02
N ALA B 48 -8.59 -2.79 -12.81
CA ALA B 48 -10.05 -2.89 -12.80
C ALA B 48 -10.55 -2.86 -14.25
N ARG B 49 -10.08 -3.82 -15.04
CA ARG B 49 -10.47 -3.92 -16.44
C ARG B 49 -11.06 -5.29 -16.75
N HIS B 50 -11.90 -5.36 -17.77
CA HIS B 50 -12.58 -6.61 -18.15
C HIS B 50 -11.67 -7.80 -18.44
N GLU B 51 -10.46 -7.57 -18.92
CA GLU B 51 -9.56 -8.68 -19.22
C GLU B 51 -9.27 -9.52 -17.98
N PHE B 52 -9.46 -8.94 -16.80
CA PHE B 52 -9.16 -9.68 -15.58
C PHE B 52 -10.36 -10.30 -14.87
N VAL B 53 -11.53 -10.24 -15.49
CA VAL B 53 -12.72 -10.83 -14.89
C VAL B 53 -12.53 -12.35 -14.89
N VAL B 54 -12.92 -13.00 -13.80
CA VAL B 54 -12.76 -14.46 -13.73
C VAL B 54 -14.04 -15.17 -13.30
N HIS B 55 -15.03 -14.39 -12.86
CA HIS B 55 -16.29 -14.97 -12.41
C HIS B 55 -17.38 -13.90 -12.46
N THR B 56 -18.58 -14.29 -12.89
CA THR B 56 -19.68 -13.34 -12.99
C THR B 56 -21.01 -13.88 -12.48
N ASN B 57 -20.97 -14.90 -11.63
CA ASN B 57 -22.21 -15.43 -11.10
C ASN B 57 -22.38 -14.92 -9.68
N HIS B 58 -23.40 -14.06 -9.49
CA HIS B 58 -23.73 -13.49 -8.19
C HIS B 58 -22.76 -12.41 -7.68
N SER B 59 -21.84 -12.00 -8.53
CA SER B 59 -20.87 -10.96 -8.22
C SER B 59 -19.86 -10.90 -9.36
N THR B 60 -19.09 -9.82 -9.42
CA THR B 60 -18.07 -9.69 -10.44
C THR B 60 -16.70 -9.82 -9.77
N ASP B 61 -15.96 -10.86 -10.16
CA ASP B 61 -14.66 -11.10 -9.56
C ASP B 61 -13.51 -10.90 -10.54
N LEU B 62 -12.42 -10.35 -10.01
CA LEU B 62 -11.23 -10.09 -10.80
C LEU B 62 -10.11 -10.97 -10.28
N GLY B 63 -9.16 -11.27 -11.15
CA GLY B 63 -8.05 -12.10 -10.76
C GLY B 63 -6.84 -11.95 -11.67
N PHE B 64 -5.67 -12.23 -11.14
CA PHE B 64 -4.45 -12.12 -11.91
C PHE B 64 -3.30 -12.79 -11.15
N LYS B 65 -2.51 -13.57 -11.86
CA LYS B 65 -1.36 -14.25 -11.27
C LYS B 65 -1.69 -15.04 -9.99
N GLY B 66 -2.83 -15.72 -9.98
CA GLY B 66 -3.19 -16.51 -8.82
C GLY B 66 -3.82 -15.74 -7.68
N GLN B 67 -4.06 -14.45 -7.87
CA GLN B 67 -4.67 -13.64 -6.84
C GLN B 67 -6.07 -13.24 -7.27
N ARG B 68 -7.07 -13.60 -6.49
CA ARG B 68 -8.44 -13.26 -6.85
C ARG B 68 -9.09 -12.35 -5.84
N ILE B 69 -10.02 -11.53 -6.32
CA ILE B 69 -10.77 -10.61 -5.48
C ILE B 69 -12.21 -10.67 -5.92
N LYS B 70 -13.11 -11.02 -5.00
CA LYS B 70 -14.52 -11.11 -5.31
C LYS B 70 -15.34 -9.87 -5.00
N THR B 71 -16.41 -9.69 -5.78
CA THR B 71 -17.37 -8.60 -5.59
C THR B 71 -16.82 -7.18 -5.67
N VAL B 72 -16.31 -6.83 -6.84
CA VAL B 72 -15.74 -5.49 -7.06
C VAL B 72 -16.75 -4.50 -7.64
N GLU B 73 -17.95 -4.97 -7.94
CA GLU B 73 -18.97 -4.12 -8.54
C GLU B 73 -19.41 -2.87 -7.80
N HIS B 74 -19.55 -2.94 -6.47
CA HIS B 74 -20.03 -1.78 -5.72
C HIS B 74 -18.97 -0.69 -5.55
N ILE B 75 -17.75 -1.09 -5.26
CA ILE B 75 -16.71 -0.09 -5.09
C ILE B 75 -16.39 0.56 -6.45
N LEU B 76 -16.40 -0.24 -7.51
CA LEU B 76 -16.11 0.31 -8.83
C LEU B 76 -17.23 1.24 -9.32
N SER B 77 -18.48 0.92 -8.95
CA SER B 77 -19.61 1.74 -9.37
C SER B 77 -19.50 3.12 -8.74
N VAL B 78 -19.24 3.14 -7.43
CA VAL B 78 -19.08 4.40 -6.71
C VAL B 78 -17.93 5.19 -7.33
N LEU B 79 -16.82 4.52 -7.60
CA LEU B 79 -15.67 5.18 -8.20
C LEU B 79 -16.04 5.75 -9.57
N HIS B 80 -16.76 4.96 -10.36
CA HIS B 80 -17.20 5.40 -11.68
C HIS B 80 -18.09 6.63 -11.57
N LEU B 81 -19.05 6.58 -10.66
CA LEU B 81 -19.98 7.69 -10.46
C LEU B 81 -19.32 8.99 -10.00
N LEU B 82 -18.29 8.87 -9.17
CA LEU B 82 -17.60 10.07 -8.65
C LEU B 82 -16.47 10.44 -9.61
N GLU B 83 -16.30 9.61 -10.63
CA GLU B 83 -15.27 9.85 -11.62
C GLU B 83 -13.85 9.80 -11.04
N ILE B 84 -13.65 8.94 -10.06
CA ILE B 84 -12.33 8.76 -9.46
C ILE B 84 -11.61 7.90 -10.49
N THR B 85 -10.51 8.40 -11.04
CA THR B 85 -9.80 7.68 -12.08
C THR B 85 -8.44 7.08 -11.72
N ASN B 86 -7.84 7.58 -10.64
CA ASN B 86 -6.51 7.09 -10.25
C ASN B 86 -6.40 6.73 -8.78
N VAL B 87 -6.45 5.43 -8.50
CA VAL B 87 -6.32 4.92 -7.14
C VAL B 87 -5.88 3.46 -7.16
N THR B 88 -5.29 3.02 -6.06
CA THR B 88 -4.89 1.64 -5.91
C THR B 88 -5.70 1.15 -4.73
N ILE B 89 -6.51 0.12 -4.95
CA ILE B 89 -7.35 -0.41 -3.90
C ILE B 89 -6.71 -1.62 -3.24
N GLU B 90 -5.94 -1.38 -2.20
CA GLU B 90 -5.30 -2.44 -1.46
C GLU B 90 -6.37 -3.30 -0.81
N VAL B 91 -6.27 -4.61 -1.02
CA VAL B 91 -7.26 -5.52 -0.45
C VAL B 91 -6.67 -6.55 0.52
N ILE B 92 -7.14 -6.52 1.76
CA ILE B 92 -6.72 -7.47 2.77
C ILE B 92 -7.86 -8.48 2.88
N GLY B 93 -7.77 -9.54 2.09
CA GLY B 93 -8.82 -10.54 2.10
C GLY B 93 -9.03 -11.06 0.70
N ASN B 94 -10.12 -11.78 0.47
CA ASN B 94 -10.39 -12.34 -0.85
C ASN B 94 -11.62 -11.74 -1.48
N GLU B 95 -12.16 -10.70 -0.86
CA GLU B 95 -13.38 -10.08 -1.37
C GLU B 95 -13.55 -8.69 -0.78
N ILE B 96 -14.24 -7.81 -1.50
CA ILE B 96 -14.51 -6.46 -1.04
C ILE B 96 -15.59 -6.55 0.05
N PRO B 97 -15.44 -5.80 1.15
CA PRO B 97 -16.46 -5.86 2.21
C PRO B 97 -17.82 -5.43 1.63
N ILE B 98 -18.88 -6.17 1.96
CA ILE B 98 -20.19 -5.84 1.42
C ILE B 98 -20.87 -4.66 2.14
N LEU B 99 -20.44 -4.40 3.38
CA LEU B 99 -20.99 -3.33 4.21
C LEU B 99 -22.52 -3.45 4.34
N ASP B 100 -23.28 -2.41 4.04
CA ASP B 100 -24.73 -2.53 4.20
C ASP B 100 -25.40 -3.07 2.95
N GLY B 101 -24.59 -3.47 1.97
CA GLY B 101 -25.14 -4.01 0.74
C GLY B 101 -25.25 -3.01 -0.41
N SER B 102 -25.04 -1.73 -0.13
CA SER B 102 -25.11 -0.69 -1.16
C SER B 102 -23.75 -0.01 -1.31
N GLY B 103 -23.74 1.17 -1.91
CA GLY B 103 -22.50 1.89 -2.09
C GLY B 103 -22.48 3.16 -1.27
N TRP B 104 -23.42 3.29 -0.34
CA TRP B 104 -23.52 4.48 0.50
C TRP B 104 -22.27 4.86 1.28
N GLU B 105 -21.72 3.93 2.04
CA GLU B 105 -20.54 4.23 2.85
C GLU B 105 -19.37 4.64 1.97
N PHE B 106 -19.17 3.92 0.86
CA PHE B 106 -18.11 4.22 -0.07
C PHE B 106 -18.33 5.64 -0.63
N TYR B 107 -19.53 5.87 -1.13
CA TYR B 107 -19.92 7.14 -1.71
C TYR B 107 -19.65 8.35 -0.81
N GLU B 108 -20.14 8.29 0.42
CA GLU B 108 -19.96 9.39 1.37
C GLU B 108 -18.51 9.70 1.70
N ALA B 109 -17.73 8.66 1.96
CA ALA B 109 -16.33 8.84 2.30
C ALA B 109 -15.54 9.42 1.13
N ILE B 110 -15.60 8.72 -0.01
CA ILE B 110 -14.87 9.14 -1.20
C ILE B 110 -15.30 10.52 -1.68
N ARG B 111 -16.61 10.75 -1.71
CA ARG B 111 -17.17 12.02 -2.17
C ARG B 111 -16.51 13.25 -1.54
N LYS B 112 -16.29 13.20 -0.22
CA LYS B 112 -15.69 14.32 0.47
C LYS B 112 -14.17 14.21 0.55
N ASN B 113 -13.56 13.53 -0.41
CA ASN B 113 -12.12 13.37 -0.44
C ASN B 113 -11.60 13.33 -1.84
N ILE B 114 -12.36 13.90 -2.77
CA ILE B 114 -11.96 13.95 -4.16
C ILE B 114 -10.85 14.97 -4.34
N LEU B 115 -9.85 14.61 -5.13
CA LEU B 115 -8.75 15.51 -5.42
C LEU B 115 -8.62 15.61 -6.93
N ASN B 116 -8.95 16.77 -7.48
CA ASN B 116 -8.85 16.95 -8.92
C ASN B 116 -7.38 16.96 -9.31
N GLN B 117 -7.09 16.46 -10.49
CA GLN B 117 -5.73 16.38 -10.97
C GLN B 117 -5.54 17.15 -12.28
N ASN B 118 -4.33 17.12 -12.82
CA ASN B 118 -4.02 17.86 -14.03
C ASN B 118 -4.13 17.12 -15.35
N ARG B 119 -5.28 16.52 -15.61
CA ARG B 119 -5.46 15.82 -16.85
C ARG B 119 -6.92 15.65 -17.13
N GLU B 120 -7.31 15.88 -18.38
CA GLU B 120 -8.68 15.72 -18.79
C GLU B 120 -8.93 14.23 -18.91
N ILE B 121 -10.09 13.81 -18.45
CA ILE B 121 -10.48 12.40 -18.51
C ILE B 121 -10.64 12.02 -19.97
N ASP B 122 -10.15 10.85 -20.33
CA ASP B 122 -10.29 10.35 -21.68
C ASP B 122 -11.40 9.30 -21.57
N TYR B 123 -12.65 9.76 -21.63
CA TYR B 123 -13.80 8.87 -21.51
C TYR B 123 -13.94 7.79 -22.56
N PHE B 124 -14.55 6.68 -22.18
CA PHE B 124 -14.81 5.61 -23.13
C PHE B 124 -16.15 6.02 -23.71
N VAL B 125 -16.18 6.33 -24.99
CA VAL B 125 -17.43 6.77 -25.60
C VAL B 125 -18.03 5.77 -26.57
N VAL B 126 -19.27 5.39 -26.30
CA VAL B 126 -19.98 4.44 -27.16
C VAL B 126 -20.16 5.18 -28.49
N GLU B 127 -19.58 4.63 -29.55
CA GLU B 127 -19.64 5.25 -30.87
C GLU B 127 -20.83 4.81 -31.71
N GLU B 128 -21.21 3.55 -31.61
CA GLU B 128 -22.33 3.04 -32.37
C GLU B 128 -23.23 2.09 -31.58
N PRO B 129 -24.50 1.99 -31.99
CA PRO B 129 -25.49 1.12 -31.33
C PRO B 129 -25.01 -0.33 -31.25
N ILE B 130 -25.41 -1.02 -30.18
CA ILE B 130 -25.03 -2.41 -29.98
C ILE B 130 -25.97 -3.12 -29.02
N ILE B 131 -26.21 -4.41 -29.26
CA ILE B 131 -27.11 -5.19 -28.42
C ILE B 131 -26.53 -6.57 -28.11
N VAL B 132 -26.73 -7.03 -26.88
CA VAL B 132 -26.27 -8.36 -26.49
C VAL B 132 -27.47 -9.03 -25.84
N GLU B 133 -27.70 -10.29 -26.17
CA GLU B 133 -28.83 -11.05 -25.65
C GLU B 133 -28.43 -12.37 -25.03
N ASP B 134 -29.30 -12.91 -24.20
CA ASP B 134 -29.02 -14.17 -23.53
C ASP B 134 -30.29 -14.69 -22.87
N GLU B 135 -30.97 -15.59 -23.56
CA GLU B 135 -32.19 -16.21 -23.06
C GLU B 135 -33.09 -15.24 -22.30
N GLY B 136 -33.69 -14.30 -23.03
CA GLY B 136 -34.57 -13.35 -22.40
C GLY B 136 -33.88 -12.07 -22.01
N ARG B 137 -32.72 -12.19 -21.38
CA ARG B 137 -31.96 -11.03 -20.95
C ARG B 137 -31.43 -10.28 -22.17
N LEU B 138 -31.39 -8.96 -22.07
CA LEU B 138 -30.92 -8.15 -23.18
C LEU B 138 -30.39 -6.80 -22.69
N ILE B 139 -29.26 -6.39 -23.25
CA ILE B 139 -28.69 -5.08 -22.91
C ILE B 139 -28.40 -4.34 -24.21
N LYS B 140 -28.79 -3.08 -24.25
CA LYS B 140 -28.58 -2.25 -25.43
C LYS B 140 -27.79 -1.01 -25.07
N ALA B 141 -26.84 -0.66 -25.94
CA ALA B 141 -26.02 0.51 -25.73
C ALA B 141 -26.01 1.34 -27.00
N GLU B 142 -26.06 2.66 -26.83
CA GLU B 142 -26.03 3.57 -27.96
C GLU B 142 -25.38 4.88 -27.53
N PRO B 143 -24.83 5.63 -28.48
CA PRO B 143 -24.17 6.91 -28.21
C PRO B 143 -24.96 7.90 -27.36
N SER B 144 -24.24 8.67 -26.54
CA SER B 144 -24.84 9.66 -25.67
C SER B 144 -23.75 10.54 -25.07
N ASP B 145 -24.03 11.84 -24.96
CA ASP B 145 -23.06 12.77 -24.39
C ASP B 145 -22.89 12.58 -22.90
N THR B 146 -23.84 11.88 -22.29
CA THR B 146 -23.82 11.62 -20.87
C THR B 146 -24.04 10.15 -20.56
N LEU B 147 -23.75 9.77 -19.32
CA LEU B 147 -23.96 8.39 -18.91
C LEU B 147 -25.40 8.25 -18.44
N GLU B 148 -26.18 7.48 -19.18
CA GLU B 148 -27.57 7.26 -18.85
C GLU B 148 -27.81 5.76 -18.84
N VAL B 149 -28.27 5.25 -17.70
CA VAL B 149 -28.50 3.83 -17.56
C VAL B 149 -29.92 3.50 -17.12
N THR B 150 -30.60 2.70 -17.91
CA THR B 150 -31.97 2.30 -17.58
C THR B 150 -31.99 0.81 -17.39
N TYR B 151 -32.65 0.35 -16.34
CA TYR B 151 -32.77 -1.08 -16.11
C TYR B 151 -34.24 -1.43 -15.99
N GLU B 152 -34.65 -2.47 -16.70
CA GLU B 152 -36.03 -2.91 -16.61
C GLU B 152 -36.07 -4.34 -16.12
N GLY B 153 -36.65 -4.52 -14.94
CA GLY B 153 -36.75 -5.84 -14.35
C GLY B 153 -38.14 -6.41 -14.44
N GLU B 154 -38.21 -7.72 -14.54
CA GLU B 154 -39.47 -8.45 -14.63
C GLU B 154 -39.32 -9.57 -13.63
N PHE B 155 -39.86 -9.37 -12.43
CA PHE B 155 -39.74 -10.36 -11.36
C PHE B 155 -40.97 -11.23 -11.19
N LYS B 156 -40.73 -12.47 -10.77
CA LYS B 156 -41.83 -13.39 -10.56
C LYS B 156 -42.32 -13.30 -9.12
N ASN B 157 -42.56 -12.08 -8.65
CA ASN B 157 -43.06 -11.86 -7.31
C ASN B 157 -43.78 -10.51 -7.31
N PHE B 158 -44.13 -9.99 -6.13
CA PHE B 158 -44.85 -8.73 -6.07
C PHE B 158 -44.21 -7.57 -6.81
N LEU B 159 -42.88 -7.58 -6.93
CA LEU B 159 -42.19 -6.51 -7.63
C LEU B 159 -42.75 -6.35 -9.05
N GLY B 160 -43.13 -7.46 -9.68
CA GLY B 160 -43.67 -7.41 -11.02
C GLY B 160 -42.68 -6.84 -12.04
N ARG B 161 -43.15 -5.90 -12.84
CA ARG B 161 -42.32 -5.27 -13.87
C ARG B 161 -42.00 -3.82 -13.52
N GLN B 162 -40.73 -3.55 -13.19
CA GLN B 162 -40.30 -2.21 -12.82
C GLN B 162 -39.08 -1.80 -13.65
N LYS B 163 -38.94 -0.50 -13.85
CA LYS B 163 -37.80 0.03 -14.58
C LYS B 163 -37.38 1.32 -13.93
N PHE B 164 -36.08 1.61 -13.96
CA PHE B 164 -35.55 2.83 -13.36
C PHE B 164 -34.47 3.38 -14.27
N THR B 165 -34.40 4.71 -14.35
CA THR B 165 -33.38 5.34 -15.18
C THR B 165 -32.49 6.28 -14.40
N PHE B 166 -31.18 6.07 -14.52
CA PHE B 166 -30.20 6.91 -13.88
C PHE B 166 -29.67 7.89 -14.92
N VAL B 167 -29.43 9.12 -14.51
CA VAL B 167 -28.88 10.12 -15.41
C VAL B 167 -27.85 10.88 -14.59
N GLU B 168 -26.76 11.30 -15.23
CA GLU B 168 -25.72 12.04 -14.53
C GLU B 168 -26.37 13.10 -13.65
N GLY B 169 -25.98 13.13 -12.38
CA GLY B 169 -26.53 14.09 -11.45
C GLY B 169 -27.45 13.44 -10.44
N ASN B 170 -27.93 12.24 -10.74
CA ASN B 170 -28.83 11.52 -9.82
C ASN B 170 -28.11 10.39 -9.10
N GLU B 171 -26.80 10.54 -8.90
CA GLU B 171 -26.00 9.54 -8.20
C GLU B 171 -26.65 9.08 -6.90
N GLU B 172 -27.07 10.03 -6.08
CA GLU B 172 -27.66 9.72 -4.80
C GLU B 172 -28.94 8.89 -4.82
N GLU B 173 -29.47 8.62 -6.01
CA GLU B 173 -30.70 7.83 -6.11
C GLU B 173 -30.45 6.34 -6.25
N ILE B 174 -29.20 5.97 -6.53
CA ILE B 174 -28.87 4.56 -6.69
C ILE B 174 -27.80 4.06 -5.72
N VAL B 175 -27.08 4.97 -5.07
CA VAL B 175 -26.02 4.56 -4.15
C VAL B 175 -26.47 4.00 -2.79
N LEU B 176 -27.77 4.04 -2.52
CA LEU B 176 -28.30 3.49 -1.27
C LEU B 176 -29.07 2.20 -1.53
N ALA B 177 -29.35 1.91 -2.80
CA ALA B 177 -30.09 0.70 -3.14
C ALA B 177 -29.24 -0.55 -2.82
N ARG B 178 -29.76 -1.43 -1.98
CA ARG B 178 -29.05 -2.63 -1.56
C ARG B 178 -29.20 -3.85 -2.46
N THR B 179 -28.30 -4.81 -2.27
CA THR B 179 -28.33 -6.05 -3.01
C THR B 179 -29.51 -6.83 -2.45
N PHE B 180 -30.19 -7.58 -3.30
CA PHE B 180 -31.36 -8.32 -2.89
C PHE B 180 -31.27 -9.78 -3.31
N ALA B 181 -32.05 -10.61 -2.64
CA ALA B 181 -32.08 -12.02 -2.96
C ALA B 181 -33.47 -12.54 -2.61
N PHE B 182 -33.90 -13.55 -3.33
CA PHE B 182 -35.21 -14.15 -3.08
C PHE B 182 -35.01 -15.38 -2.22
N ASP B 183 -35.90 -15.58 -1.25
CA ASP B 183 -35.77 -16.73 -0.36
C ASP B 183 -35.63 -18.06 -1.11
N TRP B 184 -36.28 -18.16 -2.27
CA TRP B 184 -36.22 -19.38 -3.04
C TRP B 184 -34.89 -19.62 -3.74
N GLU B 185 -33.98 -18.66 -3.68
CA GLU B 185 -32.68 -18.86 -4.31
C GLU B 185 -31.54 -18.95 -3.28
N ILE B 186 -31.89 -18.80 -2.01
CA ILE B 186 -30.90 -18.85 -0.94
C ILE B 186 -30.22 -20.22 -0.84
N GLU B 187 -30.97 -21.30 -0.99
CA GLU B 187 -30.36 -22.62 -0.89
C GLU B 187 -29.35 -22.83 -2.01
N HIS B 188 -29.68 -22.35 -3.20
CA HIS B 188 -28.78 -22.48 -4.35
C HIS B 188 -27.47 -21.75 -4.09
N ILE B 189 -27.58 -20.45 -3.81
CA ILE B 189 -26.41 -19.62 -3.55
C ILE B 189 -25.50 -20.26 -2.52
N LYS B 190 -26.09 -20.71 -1.41
CA LYS B 190 -25.33 -21.37 -0.35
C LYS B 190 -24.73 -22.67 -0.85
N LYS B 191 -25.52 -23.44 -1.59
CA LYS B 191 -25.08 -24.72 -2.11
C LYS B 191 -23.85 -24.60 -3.00
N VAL B 192 -23.81 -23.58 -3.84
CA VAL B 192 -22.69 -23.36 -4.75
C VAL B 192 -21.51 -22.63 -4.14
N GLY B 193 -21.36 -22.70 -2.82
CA GLY B 193 -20.23 -22.06 -2.17
C GLY B 193 -20.27 -20.55 -1.98
N LEU B 194 -21.37 -19.91 -2.34
CA LEU B 194 -21.47 -18.46 -2.18
C LEU B 194 -22.35 -18.05 -1.02
N GLY B 195 -22.56 -16.74 -0.87
CA GLY B 195 -23.41 -16.18 0.17
C GLY B 195 -23.08 -16.48 1.63
N LYS B 196 -21.88 -16.97 1.90
CA LYS B 196 -21.51 -17.30 3.29
C LYS B 196 -21.60 -16.11 4.26
N GLY B 197 -21.57 -14.90 3.75
CA GLY B 197 -21.63 -13.75 4.64
C GLY B 197 -22.89 -12.92 4.54
N GLY B 198 -23.91 -13.46 3.88
CA GLY B 198 -25.15 -12.73 3.72
C GLY B 198 -26.00 -12.72 4.96
N SER B 199 -26.76 -11.64 5.15
CA SER B 199 -27.66 -11.50 6.30
C SER B 199 -28.65 -10.38 6.01
N LEU B 200 -29.69 -10.26 6.85
CA LEU B 200 -30.66 -9.19 6.65
C LEU B 200 -29.99 -7.83 6.84
N LYS B 201 -28.78 -7.84 7.38
CA LYS B 201 -28.04 -6.60 7.61
C LYS B 201 -27.31 -6.09 6.37
N ASN B 202 -27.09 -6.96 5.39
CA ASN B 202 -26.42 -6.54 4.16
C ASN B 202 -27.14 -7.00 2.91
N THR B 203 -28.28 -7.66 3.07
CA THR B 203 -29.04 -8.14 1.93
C THR B 203 -30.54 -7.99 2.12
N LEU B 204 -31.22 -7.62 1.04
CA LEU B 204 -32.66 -7.46 1.06
C LEU B 204 -33.23 -8.79 0.60
N VAL B 205 -33.87 -9.51 1.52
CA VAL B 205 -34.46 -10.81 1.17
C VAL B 205 -35.95 -10.68 0.87
N LEU B 206 -36.33 -11.03 -0.35
CA LEU B 206 -37.72 -10.94 -0.79
C LEU B 206 -38.38 -12.29 -1.06
N GLY B 207 -39.64 -12.39 -0.66
CA GLY B 207 -40.38 -13.62 -0.87
C GLY B 207 -41.36 -13.43 -2.01
N LYS B 208 -42.16 -14.44 -2.29
CA LYS B 208 -43.12 -14.34 -3.38
C LYS B 208 -44.03 -13.13 -3.18
N ASP B 209 -44.21 -12.74 -1.93
CA ASP B 209 -45.06 -11.60 -1.62
C ASP B 209 -44.74 -11.02 -0.24
N LYS B 210 -43.50 -11.18 0.20
CA LYS B 210 -43.08 -10.65 1.49
C LYS B 210 -41.65 -10.12 1.49
N VAL B 211 -41.37 -9.24 2.45
CA VAL B 211 -40.06 -8.62 2.61
C VAL B 211 -39.59 -8.91 4.02
N TYR B 212 -38.65 -9.84 4.16
CA TYR B 212 -38.17 -10.22 5.48
C TYR B 212 -37.49 -9.13 6.29
N ASN B 213 -36.76 -8.23 5.64
CA ASN B 213 -36.08 -7.17 6.38
C ASN B 213 -37.13 -6.36 7.14
N PRO B 214 -36.93 -6.21 8.46
CA PRO B 214 -37.90 -5.43 9.24
C PRO B 214 -38.04 -4.00 8.77
N GLU B 215 -36.93 -3.42 8.29
CA GLU B 215 -36.92 -2.04 7.79
C GLU B 215 -37.61 -1.89 6.44
N GLY B 216 -37.85 -3.00 5.76
CA GLY B 216 -38.51 -2.94 4.46
C GLY B 216 -37.63 -2.39 3.35
N LEU B 217 -38.25 -1.98 2.23
CA LEU B 217 -37.51 -1.44 1.08
C LEU B 217 -37.21 0.04 1.26
N ARG B 218 -36.05 0.48 0.74
CA ARG B 218 -35.67 1.88 0.83
C ARG B 218 -36.40 2.66 -0.27
N TYR B 219 -36.85 1.92 -1.29
CA TYR B 219 -37.60 2.46 -2.42
C TYR B 219 -38.46 1.31 -2.90
N GLU B 220 -39.65 1.59 -3.41
CA GLU B 220 -40.51 0.53 -3.89
C GLU B 220 -39.82 -0.27 -4.99
N ASN B 221 -38.91 0.38 -5.69
CA ASN B 221 -38.17 -0.26 -6.78
C ASN B 221 -36.68 -0.38 -6.47
N GLU B 222 -36.35 -0.46 -5.18
CA GLU B 222 -34.95 -0.56 -4.76
C GLU B 222 -34.15 -1.59 -5.56
N PRO B 223 -34.75 -2.76 -5.86
CA PRO B 223 -34.03 -3.78 -6.62
C PRO B 223 -33.52 -3.36 -8.00
N VAL B 224 -34.35 -2.69 -8.81
CA VAL B 224 -33.87 -2.29 -10.14
C VAL B 224 -32.89 -1.13 -10.03
N ARG B 225 -32.99 -0.36 -8.95
CA ARG B 225 -32.06 0.73 -8.75
C ARG B 225 -30.70 0.07 -8.47
N HIS B 226 -30.72 -1.03 -7.73
CA HIS B 226 -29.47 -1.70 -7.43
C HIS B 226 -28.87 -2.27 -8.71
N LYS B 227 -29.71 -2.83 -9.57
CA LYS B 227 -29.22 -3.39 -10.82
C LYS B 227 -28.56 -2.28 -11.63
N VAL B 228 -29.14 -1.10 -11.63
CA VAL B 228 -28.56 0.02 -12.34
C VAL B 228 -27.20 0.27 -11.68
N PHE B 229 -27.19 0.30 -10.36
CA PHE B 229 -25.95 0.50 -9.61
C PHE B 229 -24.89 -0.55 -10.02
N ASP B 230 -25.28 -1.83 -10.08
CA ASP B 230 -24.36 -2.89 -10.47
C ASP B 230 -23.79 -2.68 -11.88
N LEU B 231 -24.67 -2.34 -12.81
CA LEU B 231 -24.27 -2.13 -14.19
C LEU B 231 -23.27 -0.96 -14.33
N ILE B 232 -23.43 0.09 -13.52
CA ILE B 232 -22.52 1.23 -13.58
C ILE B 232 -21.13 0.73 -13.20
N GLY B 233 -21.06 -0.12 -12.18
CA GLY B 233 -19.79 -0.65 -11.75
C GLY B 233 -19.16 -1.55 -12.80
N ASP B 234 -19.98 -2.40 -13.43
CA ASP B 234 -19.46 -3.30 -14.44
C ASP B 234 -18.97 -2.52 -15.66
N LEU B 235 -19.64 -1.43 -15.97
CA LEU B 235 -19.25 -0.62 -17.10
C LEU B 235 -17.87 -0.02 -16.90
N TYR B 236 -17.50 0.24 -15.65
CA TYR B 236 -16.20 0.83 -15.38
C TYR B 236 -15.05 -0.12 -15.75
N LEU B 237 -15.38 -1.39 -16.00
CA LEU B 237 -14.37 -2.36 -16.40
C LEU B 237 -13.84 -2.03 -17.80
N LEU B 238 -14.45 -1.02 -18.43
CA LEU B 238 -14.03 -0.61 -19.77
C LEU B 238 -12.71 0.13 -19.69
N GLY B 239 -12.27 0.43 -18.47
CA GLY B 239 -11.01 1.10 -18.31
C GLY B 239 -11.08 2.58 -17.98
N SER B 240 -12.21 3.23 -18.25
CA SER B 240 -12.35 4.66 -17.95
C SER B 240 -13.81 5.06 -17.87
N PRO B 241 -14.11 6.26 -17.31
CA PRO B 241 -15.51 6.69 -17.20
C PRO B 241 -16.19 6.54 -18.55
N VAL B 242 -17.43 6.07 -18.52
CA VAL B 242 -18.21 5.83 -19.73
C VAL B 242 -19.23 6.91 -20.07
N LYS B 243 -19.41 7.14 -21.36
CA LYS B 243 -20.41 8.09 -21.85
C LYS B 243 -21.22 7.30 -22.86
N GLY B 244 -22.48 7.06 -22.53
CA GLY B 244 -23.34 6.30 -23.42
C GLY B 244 -24.70 6.06 -22.78
N LYS B 245 -25.67 5.66 -23.59
CA LYS B 245 -27.02 5.39 -23.12
C LYS B 245 -27.25 3.89 -23.10
N PHE B 246 -27.50 3.33 -21.92
CA PHE B 246 -27.70 1.89 -21.80
C PHE B 246 -29.10 1.51 -21.32
N TYR B 247 -29.58 0.39 -21.86
CA TYR B 247 -30.88 -0.13 -21.49
C TYR B 247 -30.72 -1.61 -21.25
N SER B 248 -30.92 -2.03 -20.01
CA SER B 248 -30.79 -3.44 -19.67
C SER B 248 -32.12 -4.03 -19.25
N PHE B 249 -32.52 -5.10 -19.93
CA PHE B 249 -33.76 -5.78 -19.59
C PHE B 249 -33.40 -7.13 -18.98
N ARG B 250 -33.58 -7.25 -17.66
CA ARG B 250 -33.29 -8.49 -16.94
C ARG B 250 -31.81 -8.86 -16.87
N GLY B 251 -30.94 -7.90 -17.16
CA GLY B 251 -29.51 -8.17 -17.14
C GLY B 251 -28.88 -8.51 -15.78
N GLY B 252 -27.71 -9.12 -15.84
CA GLY B 252 -26.96 -9.49 -14.66
C GLY B 252 -25.49 -9.24 -14.94
N HIS B 253 -24.62 -9.47 -13.96
CA HIS B 253 -23.19 -9.23 -14.13
C HIS B 253 -22.61 -9.94 -15.35
N SER B 254 -23.11 -11.15 -15.57
CA SER B 254 -22.67 -11.98 -16.66
C SER B 254 -22.90 -11.32 -18.02
N LEU B 255 -24.08 -10.74 -18.20
CA LEU B 255 -24.42 -10.07 -19.44
C LEU B 255 -23.75 -8.70 -19.49
N ASN B 256 -23.65 -8.04 -18.35
CA ASN B 256 -23.01 -6.73 -18.28
C ASN B 256 -21.59 -6.88 -18.81
N VAL B 257 -20.88 -7.89 -18.31
CA VAL B 257 -19.50 -8.13 -18.70
C VAL B 257 -19.43 -8.48 -20.19
N LYS B 258 -20.37 -9.31 -20.65
CA LYS B 258 -20.39 -9.69 -22.06
C LYS B 258 -20.48 -8.43 -22.92
N LEU B 259 -21.33 -7.50 -22.52
CA LEU B 259 -21.50 -6.25 -23.25
C LEU B 259 -20.20 -5.47 -23.21
N VAL B 260 -19.58 -5.41 -22.03
CA VAL B 260 -18.32 -4.68 -21.87
C VAL B 260 -17.24 -5.19 -22.84
N LYS B 261 -17.07 -6.51 -22.90
CA LYS B 261 -16.07 -7.09 -23.79
C LYS B 261 -16.44 -6.85 -25.25
N GLU B 262 -17.74 -6.71 -25.52
CA GLU B 262 -18.22 -6.46 -26.87
C GLU B 262 -17.85 -5.05 -27.29
N LEU B 263 -18.08 -4.10 -26.40
CA LEU B 263 -17.75 -2.70 -26.68
C LEU B 263 -16.25 -2.55 -26.80
N ALA B 264 -15.52 -3.23 -25.94
CA ALA B 264 -14.06 -3.16 -25.95
C ALA B 264 -13.52 -3.73 -27.27
N LYS B 265 -14.05 -4.88 -27.69
CA LYS B 265 -13.61 -5.52 -28.93
C LYS B 265 -13.72 -4.56 -30.11
N LYS B 266 -14.79 -3.77 -30.13
CA LYS B 266 -14.97 -2.80 -31.20
C LYS B 266 -14.02 -1.63 -31.00
N GLN B 267 -12.83 -1.93 -30.52
CA GLN B 267 -11.76 -0.95 -30.25
C GLN B 267 -12.30 0.46 -30.13
N LYS B 268 -13.35 0.60 -29.32
CA LYS B 268 -14.01 1.89 -29.11
C LYS B 268 -13.37 2.73 -27.99
ZN ZN C . 26.45 3.35 8.16
ZN ZN D . 34.36 8.85 18.56
ZN ZN E . -1.97 0.76 2.38
ZN ZN F . 27.23 3.83 11.10
ZN ZN G . 31.98 7.64 12.67
N1 UDP H . 31.66 14.48 8.19
C2 UDP H . 32.16 15.65 7.57
N3 UDP H . 31.26 16.53 7.01
C4 UDP H . 29.89 16.33 7.04
C5 UDP H . 29.38 15.16 7.66
C6 UDP H . 30.28 14.24 8.24
O2 UDP H . 33.37 15.92 7.48
O4 UDP H . 29.16 17.19 6.51
C1' UDP H . 32.62 13.50 8.80
C2' UDP H . 32.79 13.60 10.33
O2' UDP H . 33.61 14.70 10.73
C3' UDP H . 33.30 12.20 10.66
C4' UDP H . 32.86 11.27 9.44
O4' UDP H . 32.20 12.15 8.55
O3' UDP H . 34.69 12.06 10.52
C5' UDP H . 31.85 10.27 10.07
O5' UDP H . 31.65 10.46 11.48
PA UDP H . 30.37 11.22 12.11
O1A UDP H . 29.50 11.71 11.03
O2A UDP H . 30.87 12.30 13.00
O3A UDP H . 29.52 10.10 12.89
PB UDP H . 28.69 8.75 12.53
O1B UDP H . 28.00 8.46 13.83
O2B UDP H . 29.72 7.73 12.20
O3B UDP H . 27.69 8.99 11.45
C1 PLM I . 43.32 -3.34 8.18
O1 PLM I . 44.20 -3.24 7.26
O2 PLM I . 43.22 -4.33 8.95
C2 PLM I . 42.27 -2.18 8.36
C3 PLM I . 42.40 -0.99 7.41
C4 PLM I . 41.16 -0.10 7.25
C5 PLM I . 40.88 0.72 8.51
C6 PLM I . 39.42 0.75 8.89
C7 PLM I . 39.19 1.57 10.12
C8 PLM I . 38.01 1.07 10.91
C9 PLM I . 36.93 2.13 11.09
CA PLM I . 35.57 1.55 10.79
CB PLM I . 34.58 2.60 10.35
CC PLM I . 33.81 3.12 11.54
CD PLM I . 32.51 3.77 11.11
CE PLM I . 32.55 5.33 11.13
CF PLM I . 32.75 6.71 10.68
CG PLM I . 33.82 7.41 10.14
C1 GOL J . 7.87 4.10 3.53
O1 GOL J . 7.76 5.03 4.84
C2 GOL J . 9.03 3.85 2.80
O2 GOL J . 10.11 4.15 3.54
C3 GOL J . 8.76 3.43 1.70
O3 GOL J . 7.92 2.94 0.46
ZN ZN K . -24.69 -5.50 -6.43
ZN ZN L . -25.64 -19.58 -9.64
ZN ZN M . -23.16 -8.37 -7.29
ZN ZN N . -27.06 -13.19 -8.30
N1 UDP O . -34.26 -11.24 -11.66
C2 UDP O . -35.62 -11.35 -12.02
N3 UDP O . -36.08 -10.51 -13.02
C4 UDP O . -35.28 -9.59 -13.69
C5 UDP O . -33.92 -9.49 -13.32
C6 UDP O . -33.42 -10.32 -12.30
O2 UDP O . -36.43 -12.13 -11.48
O4 UDP O . -35.81 -8.90 -14.58
C1' UDP O . -33.74 -12.13 -10.57
C2' UDP O . -32.97 -13.38 -11.02
O2' UDP O . -33.82 -14.40 -11.51
C3' UDP O . -32.16 -13.70 -9.78
C4' UDP O . -32.07 -12.33 -8.94
O4' UDP O . -32.84 -11.41 -9.72
O3' UDP O . -32.88 -14.47 -8.85
C5' UDP O . -30.57 -11.95 -9.00
O5' UDP O . -29.77 -12.88 -9.75
PA UDP O . -29.08 -12.56 -11.18
O1A UDP O . -29.52 -11.24 -11.67
O2A UDP O . -29.42 -13.68 -12.10
O3A UDP O . -27.50 -12.44 -10.87
PB UDP O . -26.39 -11.26 -10.75
O1B UDP O . -25.26 -11.80 -11.60
O2B UDP O . -26.05 -11.23 -9.31
O3B UDP O . -26.91 -9.97 -11.31
C1 PLM P . -34.99 -15.99 5.54
O1 PLM P . -35.27 -15.19 6.52
O2 PLM P . -35.88 -16.39 4.72
C2 PLM P . -33.53 -16.49 5.31
C3 PLM P . -32.49 -15.98 6.31
C4 PLM P . -31.03 -16.12 5.86
C5 PLM P . -30.51 -14.87 5.13
C6 PLM P . -29.46 -15.18 4.09
C7 PLM P . -28.97 -13.95 3.38
C8 PLM P . -28.89 -14.17 1.89
C9 PLM P . -27.54 -14.71 1.41
CA PLM P . -27.40 -14.52 -0.08
CB PLM P . -26.39 -13.46 -0.47
CC PLM P . -26.86 -12.70 -1.69
CD PLM P . -26.03 -13.02 -2.91
CE PLM P . -26.68 -12.59 -4.27
CF PLM P . -27.21 -12.65 -5.66
CG PLM P . -28.40 -13.12 -6.23
#